data_8SIS
#
_entry.id   8SIS
#
_cell.length_a   68.698
_cell.length_b   80.188
_cell.length_c   73.537
_cell.angle_alpha   90.00
_cell.angle_beta   94.90
_cell.angle_gamma   90.00
#
_symmetry.space_group_name_H-M   'P 1 21 1'
#
loop_
_entity.id
_entity.type
_entity.pdbx_description
1 polymer 'Spike protein S1'
2 polymer 'CC84.2 Fab heavy chain'
3 polymer 'CC84.2 Fab light chain'
4 non-polymer 2-acetamido-2-deoxy-beta-D-glucopyranose
#
loop_
_entity_poly.entity_id
_entity_poly.type
_entity_poly.pdbx_seq_one_letter_code
_entity_poly.pdbx_strand_id
1 'polypeptide(L)'
;TNLCPFGEVFNATRFASVYAWNRKRISNCVADYSVLYNSASFSTFKCYGVSPTKLNDLCFTNVYADSFVIRGDEVRQIAP
GQTGKIADYNYKLPDDFTGCVIAWNSNNLDSKVGGNYNYLYRLFRKSNLKPFERDISTEIYQAGSTPCNGVEGFNCYFPL
QSYGFQPTNGVGYQPYRVVVLSFELLHAPATVCGPKKSGHHHHHH
;
A
2 'polypeptide(L)'
;QVQLVQSGAEVKKPGASVKVSCKASGYTFTRYAMHWVRQAPGQSLECMGWINAGNGNTKYSKNFQGRVTITRDTSANTVY
MELSSLRSEDTAVYYCARDLYYYDSSGYQHINYQLDYWGQGTLVTVSSASTKGPSVFPLAPSSKSTSGGTAALGCLVKDY
FPEPVTVSWNSGALTSGVHTFPAVLQSSGLYSLSSVVTVPSSSLGTQTYICNVNHKPSNTKVDKRVEPKSC
;
H
3 'polypeptide(L)'
;DVVMTQSPGTLSLSPGERATLSCRASQSVSSNYLAWYQQKAGQAPRLLIYGASSRATDIPDRFSGSGSGTDFTLTISRLE
PEDFAMYYCQQYGGSPRTFGQGTKLEIKRTVAAPSVFIFPPSDEQLKSGTASVVCLLNNFYPREAKVQWKVDNALQSGNS
QESVTEQDSKDSTYSLSSTLTLSKADYEKHKVYACEVTHQGLSSPVTKSFNRGECS
;
L
#
loop_
_chem_comp.id
_chem_comp.type
_chem_comp.name
_chem_comp.formula
NAG D-saccharide, beta linking 2-acetamido-2-deoxy-beta-D-glucopyranose 'C8 H15 N O6'
#
# COMPACT_ATOMS: atom_id res chain seq x y z
N ASN A 2 -19.32 27.90 41.69
CA ASN A 2 -20.06 26.66 41.45
C ASN A 2 -19.13 25.51 41.12
N LEU A 3 -19.68 24.45 40.56
CA LEU A 3 -18.92 23.28 40.16
C LEU A 3 -19.35 22.87 38.75
N CYS A 4 -18.37 22.60 37.89
CA CYS A 4 -18.67 22.14 36.55
C CYS A 4 -19.31 20.75 36.59
N PRO A 5 -20.38 20.53 35.84
CA PRO A 5 -21.08 19.24 35.86
C PRO A 5 -20.51 18.25 34.83
N PHE A 6 -19.20 18.01 34.92
CA PHE A 6 -18.59 16.94 34.12
C PHE A 6 -19.12 15.58 34.55
N GLY A 7 -19.23 15.38 35.86
CA GLY A 7 -19.67 14.09 36.37
C GLY A 7 -21.06 13.72 35.91
N GLU A 8 -21.94 14.71 35.78
CA GLU A 8 -23.28 14.43 35.25
C GLU A 8 -23.20 13.85 33.85
N VAL A 9 -22.33 14.41 33.01
CA VAL A 9 -22.12 13.85 31.68
C VAL A 9 -21.61 12.42 31.79
N PHE A 10 -20.56 12.21 32.58
CA PHE A 10 -20.00 10.85 32.71
C PHE A 10 -20.98 9.90 33.40
N ASN A 11 -21.68 10.35 34.43
CA ASN A 11 -22.59 9.50 35.19
C ASN A 11 -24.05 9.67 34.79
N ALA A 12 -24.30 10.14 33.57
CA ALA A 12 -25.67 10.17 33.05
C ALA A 12 -26.22 8.75 32.95
N THR A 13 -27.48 8.58 33.36
CA THR A 13 -28.08 7.25 33.36
C THR A 13 -28.18 6.69 31.95
N ARG A 14 -28.50 7.53 30.97
CA ARG A 14 -28.58 7.13 29.59
C ARG A 14 -27.67 8.04 28.76
N PHE A 15 -27.29 7.53 27.59
CA PHE A 15 -26.35 8.23 26.72
C PHE A 15 -26.91 8.28 25.31
N ALA A 16 -26.50 9.28 24.55
CA ALA A 16 -27.05 9.50 23.22
C ALA A 16 -26.58 8.45 22.23
N SER A 17 -27.36 8.28 21.18
CA SER A 17 -27.02 7.38 20.09
C SER A 17 -26.01 8.03 19.15
N VAL A 18 -25.40 7.20 18.30
CA VAL A 18 -24.38 7.70 17.38
C VAL A 18 -25.02 8.58 16.31
N TYR A 19 -26.23 8.22 15.86
CA TYR A 19 -26.88 8.94 14.77
C TYR A 19 -27.05 10.42 15.10
N ALA A 20 -27.09 10.76 16.38
CA ALA A 20 -27.10 12.14 16.84
C ALA A 20 -26.33 12.22 18.14
N TRP A 21 -25.08 12.67 18.10
CA TRP A 21 -24.33 12.88 19.33
C TRP A 21 -25.01 13.95 20.17
N ASN A 22 -24.93 13.82 21.49
CA ASN A 22 -25.52 14.82 22.37
C ASN A 22 -24.42 15.66 22.98
N ARG A 23 -24.55 16.98 22.86
CA ARG A 23 -23.53 17.90 23.32
C ARG A 23 -24.09 18.85 24.36
N LYS A 24 -23.35 19.02 25.46
CA LYS A 24 -23.65 20.02 26.47
C LYS A 24 -22.44 20.94 26.62
N ARG A 25 -22.67 22.24 26.56
CA ARG A 25 -21.61 23.21 26.72
C ARG A 25 -21.49 23.59 28.19
N ILE A 26 -20.28 23.51 28.72
CA ILE A 26 -19.96 23.78 30.11
C ILE A 26 -19.18 25.08 30.15
N SER A 27 -19.70 26.04 30.91
CA SER A 27 -19.16 27.39 30.92
C SER A 27 -19.40 28.04 32.28
N ASN A 28 -18.53 29.00 32.60
CA ASN A 28 -18.63 29.82 33.80
C ASN A 28 -18.69 28.96 35.07
N CYS A 29 -17.80 27.98 35.13
CA CYS A 29 -17.69 27.10 36.28
C CYS A 29 -16.26 26.63 36.43
N VAL A 30 -15.97 26.06 37.60
CA VAL A 30 -14.64 25.55 37.92
C VAL A 30 -14.73 24.04 38.07
N ALA A 31 -13.86 23.32 37.38
CA ALA A 31 -13.86 21.87 37.36
C ALA A 31 -12.54 21.31 37.86
N ASP A 32 -12.63 20.21 38.57
CA ASP A 32 -11.46 19.40 38.91
C ASP A 32 -11.37 18.29 37.86
N TYR A 33 -10.37 18.41 36.98
CA TYR A 33 -10.05 17.32 36.07
C TYR A 33 -9.54 16.11 36.84
N SER A 34 -9.32 16.26 38.14
CA SER A 34 -8.76 15.20 38.96
C SER A 34 -9.68 13.99 39.02
N VAL A 35 -10.98 14.22 39.12
CA VAL A 35 -11.92 13.11 39.27
C VAL A 35 -11.86 12.20 38.06
N LEU A 36 -11.67 12.79 36.87
CA LEU A 36 -11.58 11.99 35.65
C LEU A 36 -10.35 11.09 35.65
N TYR A 37 -9.19 11.64 36.04
CA TYR A 37 -7.97 10.82 35.97
C TYR A 37 -7.93 9.78 37.09
N ASN A 38 -8.56 10.04 38.24
CA ASN A 38 -8.59 9.06 39.32
C ASN A 38 -9.29 7.77 38.91
N SER A 39 -10.44 7.88 38.26
CA SER A 39 -11.30 6.73 38.02
C SER A 39 -10.62 5.69 37.15
N ALA A 40 -10.66 4.43 37.58
CA ALA A 40 -10.15 3.29 36.82
C ALA A 40 -11.19 2.72 35.88
N SER A 41 -12.40 3.30 35.85
CA SER A 41 -13.47 2.78 35.00
C SER A 41 -13.15 2.93 33.52
N PHE A 42 -12.46 4.01 33.14
CA PHE A 42 -12.30 4.34 31.73
C PHE A 42 -11.34 3.38 31.05
N SER A 43 -11.79 2.78 29.95
CA SER A 43 -10.92 1.96 29.11
C SER A 43 -10.00 2.82 28.25
N THR A 44 -10.52 3.91 27.70
CA THR A 44 -9.76 4.79 26.82
C THR A 44 -9.68 6.17 27.45
N PHE A 45 -8.46 6.65 27.66
CA PHE A 45 -8.17 8.03 28.09
C PHE A 45 -7.05 8.55 27.18
N LYS A 46 -7.43 9.09 26.02
CA LYS A 46 -6.45 9.54 25.03
C LYS A 46 -6.65 11.02 24.77
N CYS A 47 -5.60 11.82 24.97
CA CYS A 47 -5.70 13.27 24.89
C CYS A 47 -4.93 13.76 23.68
N TYR A 48 -5.57 14.61 22.88
CA TYR A 48 -5.02 15.13 21.64
C TYR A 48 -5.00 16.65 21.72
N GLY A 49 -3.81 17.23 21.53
CA GLY A 49 -3.66 18.68 21.46
C GLY A 49 -3.38 19.36 22.79
N VAL A 50 -3.46 18.65 23.91
CA VAL A 50 -3.17 19.22 25.21
C VAL A 50 -2.71 18.11 26.14
N SER A 51 -1.70 18.41 26.95
CA SER A 51 -1.26 17.47 27.98
C SER A 51 -2.31 17.41 29.08
N PRO A 52 -2.69 16.22 29.54
CA PRO A 52 -3.68 16.15 30.64
C PRO A 52 -3.18 16.82 31.92
N THR A 53 -1.87 16.82 32.17
CA THR A 53 -1.34 17.33 33.43
C THR A 53 -1.61 18.82 33.59
N LYS A 54 -1.41 19.61 32.53
CA LYS A 54 -1.53 21.05 32.61
C LYS A 54 -2.98 21.53 32.47
N LEU A 55 -3.93 20.61 32.35
CA LEU A 55 -5.31 21.00 32.08
C LEU A 55 -5.88 21.84 33.21
N ASN A 56 -5.64 21.45 34.46
CA ASN A 56 -6.15 22.21 35.60
C ASN A 56 -5.57 23.62 35.62
N ASP A 57 -4.30 23.76 35.27
CA ASP A 57 -3.68 25.09 35.22
C ASP A 57 -4.29 25.93 34.10
N LEU A 58 -4.70 25.29 33.00
CA LEU A 58 -5.25 26.03 31.87
C LEU A 58 -6.64 26.57 32.17
N CYS A 59 -6.97 27.68 31.52
CA CYS A 59 -8.27 28.31 31.59
C CYS A 59 -8.86 28.34 30.20
N PHE A 60 -10.12 27.90 30.07
CA PHE A 60 -10.75 27.73 28.77
C PHE A 60 -12.00 28.61 28.67
N THR A 61 -12.17 29.23 27.50
CA THR A 61 -13.36 30.04 27.27
C THR A 61 -14.64 29.20 27.39
N ASN A 62 -14.69 28.08 26.68
CA ASN A 62 -15.80 27.14 26.84
C ASN A 62 -15.24 25.72 26.86
N VAL A 63 -16.02 24.78 27.40
CA VAL A 63 -15.63 23.38 27.37
C VAL A 63 -16.86 22.57 26.97
N TYR A 64 -16.80 21.91 25.82
CA TYR A 64 -17.96 21.17 25.32
C TYR A 64 -17.77 19.69 25.63
N ALA A 65 -18.84 19.06 26.13
CA ALA A 65 -18.85 17.63 26.42
C ALA A 65 -19.81 16.96 25.46
N ASP A 66 -19.31 16.00 24.69
CA ASP A 66 -20.08 15.26 23.71
C ASP A 66 -20.23 13.83 24.18
N SER A 67 -21.44 13.29 24.08
CA SER A 67 -21.78 11.99 24.62
C SER A 67 -22.40 11.14 23.54
N PHE A 68 -21.92 9.88 23.43
CA PHE A 68 -22.52 8.91 22.55
C PHE A 68 -22.05 7.51 22.94
N VAL A 69 -22.67 6.49 22.33
CA VAL A 69 -22.36 5.09 22.61
C VAL A 69 -22.08 4.38 21.31
N ILE A 70 -20.86 3.84 21.18
CA ILE A 70 -20.44 3.15 19.96
C ILE A 70 -19.92 1.77 20.35
N ARG A 71 -19.77 0.92 19.35
CA ARG A 71 -19.14 -0.36 19.62
C ARG A 71 -17.64 -0.16 19.86
N GLY A 72 -17.08 -1.03 20.70
CA GLY A 72 -15.80 -0.73 21.32
C GLY A 72 -14.68 -0.50 20.32
N ASP A 73 -14.61 -1.34 19.29
CA ASP A 73 -13.55 -1.18 18.31
C ASP A 73 -13.65 0.17 17.61
N GLU A 74 -14.87 0.57 17.22
CA GLU A 74 -15.11 1.87 16.62
C GLU A 74 -14.62 3.03 17.49
N VAL A 75 -14.26 2.77 18.76
CA VAL A 75 -13.72 3.82 19.61
C VAL A 75 -12.43 4.38 19.01
N ARG A 76 -11.63 3.51 18.37
CA ARG A 76 -10.40 3.99 17.74
C ARG A 76 -10.70 4.97 16.61
N GLN A 77 -11.89 4.85 16.01
CA GLN A 77 -12.28 5.78 14.95
C GLN A 77 -12.47 7.19 15.48
N ILE A 78 -12.83 7.33 16.75
CA ILE A 78 -13.11 8.65 17.33
C ILE A 78 -11.76 9.22 17.77
N ALA A 79 -11.06 9.81 16.81
CA ALA A 79 -9.72 10.33 17.01
C ALA A 79 -9.40 11.24 15.83
N PRO A 80 -8.48 12.20 16.01
CA PRO A 80 -8.18 13.13 14.91
C PRO A 80 -7.68 12.41 13.67
N GLY A 81 -8.15 12.87 12.52
CA GLY A 81 -7.69 12.35 11.25
C GLY A 81 -7.87 10.85 11.08
N GLN A 82 -9.01 10.32 11.48
CA GLN A 82 -9.30 8.90 11.36
C GLN A 82 -10.39 8.67 10.32
N THR A 83 -10.19 7.68 9.46
CA THR A 83 -11.12 7.38 8.39
C THR A 83 -11.91 6.12 8.74
N GLY A 84 -13.23 6.25 8.78
CA GLY A 84 -14.11 5.13 9.04
C GLY A 84 -15.54 5.58 8.81
N LYS A 85 -16.46 4.62 8.90
CA LYS A 85 -17.87 4.95 8.73
C LYS A 85 -18.34 5.92 9.81
N ILE A 86 -17.95 5.68 11.05
CA ILE A 86 -18.39 6.53 12.15
C ILE A 86 -17.67 7.89 12.10
N ALA A 87 -16.35 7.85 11.95
CA ALA A 87 -15.58 9.09 11.97
C ALA A 87 -15.90 9.97 10.77
N ASP A 88 -15.98 9.38 9.58
CA ASP A 88 -16.25 10.19 8.40
C ASP A 88 -17.71 10.67 8.37
N TYR A 89 -18.65 9.84 8.82
CA TYR A 89 -20.06 10.19 8.76
C TYR A 89 -20.64 10.58 10.12
N ASN A 90 -20.60 9.67 11.10
CA ASN A 90 -21.47 9.84 12.27
C ASN A 90 -20.97 10.96 13.18
N TYR A 91 -19.69 10.95 13.51
CA TYR A 91 -19.13 11.97 14.39
C TYR A 91 -17.69 12.21 13.96
N LYS A 92 -17.31 13.47 13.83
CA LYS A 92 -16.04 13.83 13.21
C LYS A 92 -15.24 14.72 14.15
N LEU A 93 -13.93 14.50 14.19
CA LEU A 93 -12.99 15.26 15.00
C LEU A 93 -12.02 15.99 14.09
N PRO A 94 -11.79 17.28 14.31
CA PRO A 94 -10.90 18.03 13.41
C PRO A 94 -9.46 17.56 13.50
N ASP A 95 -8.70 17.84 12.44
CA ASP A 95 -7.28 17.51 12.43
C ASP A 95 -6.55 18.22 13.56
N ASP A 96 -6.85 19.50 13.77
CA ASP A 96 -6.39 20.22 14.96
C ASP A 96 -7.48 20.06 16.02
N PHE A 97 -7.23 19.15 16.96
CA PHE A 97 -8.18 18.87 18.03
C PHE A 97 -7.51 19.16 19.37
N THR A 98 -8.22 19.89 20.23
CA THR A 98 -7.73 20.23 21.57
C THR A 98 -8.74 19.67 22.56
N GLY A 99 -8.56 18.40 22.91
CA GLY A 99 -9.51 17.74 23.79
C GLY A 99 -9.09 16.30 23.98
N CYS A 100 -9.94 15.56 24.70
CA CYS A 100 -9.63 14.20 25.09
C CYS A 100 -10.81 13.29 24.80
N VAL A 101 -10.51 12.03 24.52
CA VAL A 101 -11.51 10.99 24.26
C VAL A 101 -11.43 9.97 25.39
N ILE A 102 -12.59 9.70 26.00
CA ILE A 102 -12.69 8.80 27.15
C ILE A 102 -13.79 7.80 26.87
N ALA A 103 -13.56 6.54 27.20
CA ALA A 103 -14.51 5.48 26.89
C ALA A 103 -14.43 4.37 27.92
N TRP A 104 -15.59 3.80 28.23
CA TRP A 104 -15.66 2.67 29.16
C TRP A 104 -16.67 1.65 28.62
N ASN A 105 -16.49 0.38 29.01
CA ASN A 105 -17.45 -0.63 28.60
C ASN A 105 -18.79 -0.41 29.28
N SER A 106 -19.86 -0.48 28.49
CA SER A 106 -21.22 -0.28 28.98
C SER A 106 -22.08 -1.53 28.84
N ASN A 107 -21.45 -2.71 28.72
CA ASN A 107 -22.22 -3.95 28.53
C ASN A 107 -23.14 -4.21 29.71
N ASN A 108 -22.77 -3.74 30.90
CA ASN A 108 -23.63 -3.93 32.07
C ASN A 108 -24.97 -3.23 31.90
N LEU A 109 -24.98 -2.04 31.31
CA LEU A 109 -26.17 -1.22 31.27
C LEU A 109 -26.78 -1.07 29.88
N ASP A 110 -25.99 -1.19 28.81
CA ASP A 110 -26.47 -0.89 27.47
C ASP A 110 -26.72 -2.13 26.62
N SER A 111 -26.86 -3.30 27.24
CA SER A 111 -27.04 -4.52 26.47
C SER A 111 -28.14 -5.38 27.09
N LYS A 112 -28.94 -5.99 26.21
CA LYS A 112 -29.97 -6.94 26.61
C LYS A 112 -29.77 -8.23 25.83
N VAL A 113 -30.37 -9.32 26.33
CA VAL A 113 -30.17 -10.63 25.71
C VAL A 113 -30.63 -10.61 24.26
N GLY A 114 -31.81 -10.03 24.01
CA GLY A 114 -32.23 -9.81 22.62
C GLY A 114 -31.36 -8.79 21.92
N GLY A 115 -30.93 -7.78 22.63
CA GLY A 115 -30.13 -6.70 22.08
C GLY A 115 -30.87 -5.38 22.13
N ASN A 116 -30.12 -4.32 22.36
CA ASN A 116 -30.68 -2.96 22.38
C ASN A 116 -30.48 -2.37 20.99
N TYR A 117 -31.58 -2.07 20.32
CA TYR A 117 -31.56 -1.44 19.02
C TYR A 117 -31.88 0.04 19.11
N ASN A 118 -31.85 0.60 20.32
CA ASN A 118 -32.14 2.01 20.53
C ASN A 118 -31.03 2.91 20.00
N TYR A 119 -29.79 2.42 19.99
CA TYR A 119 -28.64 3.19 19.52
C TYR A 119 -28.25 2.75 18.12
N LEU A 120 -28.12 3.73 17.22
CA LEU A 120 -27.93 3.47 15.79
C LEU A 120 -26.80 4.34 15.25
N TYR A 121 -26.28 3.93 14.09
CA TYR A 121 -25.25 4.66 13.38
C TYR A 121 -25.71 5.03 11.99
N ARG A 122 -25.04 6.03 11.42
CA ARG A 122 -25.37 6.56 10.09
C ARG A 122 -24.65 5.67 9.09
N LEU A 123 -25.35 4.69 8.53
CA LEU A 123 -24.68 3.73 7.65
C LEU A 123 -24.29 4.37 6.33
N PHE A 124 -25.20 5.10 5.71
CA PHE A 124 -24.97 5.70 4.39
C PHE A 124 -25.17 7.20 4.46
N ARG A 125 -24.25 7.93 3.83
CA ARG A 125 -24.41 9.37 3.62
C ARG A 125 -23.69 9.75 2.34
N LYS A 126 -24.27 10.72 1.63
CA LYS A 126 -23.72 11.15 0.35
C LYS A 126 -22.34 11.77 0.51
N SER A 127 -22.16 12.61 1.53
CA SER A 127 -20.88 13.28 1.77
C SER A 127 -20.45 13.07 3.21
N ASN A 128 -19.14 13.05 3.42
CA ASN A 128 -18.60 12.91 4.76
C ASN A 128 -18.97 14.12 5.62
N LEU A 129 -19.41 13.86 6.84
CA LEU A 129 -19.80 14.96 7.72
C LEU A 129 -18.60 15.82 8.10
N LYS A 130 -18.88 17.12 8.21
CA LYS A 130 -17.90 18.08 8.66
C LYS A 130 -17.60 17.89 10.14
N PRO A 131 -16.47 18.39 10.62
CA PRO A 131 -16.15 18.28 12.04
C PRO A 131 -17.22 18.91 12.92
N PHE A 132 -17.52 18.24 14.04
CA PHE A 132 -18.44 18.74 15.05
C PHE A 132 -19.80 19.07 14.47
N GLU A 133 -20.29 18.20 13.59
CA GLU A 133 -21.60 18.39 12.95
C GLU A 133 -22.43 17.13 13.07
N ARG A 134 -23.74 17.32 13.21
CA ARG A 134 -24.71 16.25 13.40
C ARG A 134 -25.74 16.28 12.29
N ASP A 135 -26.11 15.10 11.79
CA ASP A 135 -27.18 14.98 10.81
C ASP A 135 -28.04 13.79 11.20
N ILE A 136 -29.35 14.02 11.31
CA ILE A 136 -30.31 13.01 11.69
C ILE A 136 -31.21 12.62 10.52
N SER A 137 -30.79 12.98 9.31
CA SER A 137 -31.63 12.80 8.13
C SER A 137 -31.99 11.34 7.95
N THR A 138 -33.27 11.09 7.65
CA THR A 138 -33.77 9.74 7.50
C THR A 138 -34.18 9.43 6.06
N GLU A 139 -33.74 10.23 5.10
CA GLU A 139 -33.99 9.92 3.70
C GLU A 139 -33.26 8.65 3.30
N ILE A 140 -33.94 7.81 2.51
CA ILE A 140 -33.35 6.58 2.03
C ILE A 140 -32.19 6.89 1.11
N TYR A 141 -31.10 6.13 1.22
CA TYR A 141 -29.92 6.37 0.42
C TYR A 141 -30.18 6.08 -1.05
N GLN A 142 -29.91 7.07 -1.91
CA GLN A 142 -30.09 6.93 -3.36
C GLN A 142 -28.84 6.29 -3.96
N ALA A 143 -28.61 5.03 -3.58
CA ALA A 143 -27.50 4.27 -4.15
C ALA A 143 -27.72 4.05 -5.64
N GLY A 144 -28.97 3.81 -6.05
CA GLY A 144 -29.26 3.62 -7.46
C GLY A 144 -29.42 4.93 -8.21
N SER A 145 -29.19 4.84 -9.53
CA SER A 145 -29.47 5.97 -10.40
C SER A 145 -30.96 6.33 -10.35
N THR A 146 -31.82 5.33 -10.32
CA THR A 146 -33.24 5.58 -10.10
C THR A 146 -33.44 6.11 -8.68
N PRO A 147 -34.23 7.17 -8.51
CA PRO A 147 -34.43 7.71 -7.16
C PRO A 147 -35.20 6.75 -6.28
N CYS A 148 -34.97 6.86 -4.98
CA CYS A 148 -35.58 5.94 -4.02
C CYS A 148 -37.09 6.13 -3.97
N ASN A 149 -37.56 7.37 -4.08
CA ASN A 149 -38.99 7.69 -4.04
C ASN A 149 -39.64 7.18 -2.76
N GLY A 150 -38.87 7.19 -1.66
CA GLY A 150 -39.39 6.84 -0.36
C GLY A 150 -39.44 5.36 -0.05
N VAL A 151 -39.12 4.48 -1.00
CA VAL A 151 -39.28 3.05 -0.83
C VAL A 151 -37.91 2.42 -0.62
N GLU A 152 -37.80 1.59 0.41
CA GLU A 152 -36.67 0.68 0.50
C GLU A 152 -36.70 -0.27 -0.69
N GLY A 153 -35.60 -0.34 -1.43
CA GLY A 153 -35.61 -1.14 -2.65
C GLY A 153 -34.21 -1.45 -3.10
N PHE A 154 -34.12 -2.15 -4.22
CA PHE A 154 -32.83 -2.44 -4.82
C PHE A 154 -32.10 -1.15 -5.11
N ASN A 155 -30.84 -1.07 -4.70
CA ASN A 155 -30.03 0.13 -4.81
C ASN A 155 -30.61 1.30 -4.02
N CYS A 156 -31.42 1.01 -3.01
CA CYS A 156 -32.00 1.99 -2.11
C CYS A 156 -31.87 1.47 -0.68
N TYR A 157 -31.36 2.29 0.22
CA TYR A 157 -30.96 1.77 1.53
C TYR A 157 -31.27 2.78 2.62
N PHE A 158 -31.62 2.26 3.79
CA PHE A 158 -31.94 3.12 4.93
C PHE A 158 -30.70 3.93 5.32
N PRO A 159 -30.88 5.19 5.73
CA PRO A 159 -29.71 5.96 6.19
C PRO A 159 -29.03 5.37 7.42
N LEU A 160 -29.81 4.75 8.32
CA LEU A 160 -29.30 4.32 9.61
C LEU A 160 -29.35 2.80 9.72
N GLN A 161 -28.48 2.27 10.58
CA GLN A 161 -28.60 0.89 11.01
C GLN A 161 -28.17 0.81 12.47
N SER A 162 -28.85 -0.06 13.22
CA SER A 162 -28.68 -0.13 14.66
C SER A 162 -27.75 -1.26 15.05
N TYR A 163 -26.89 -1.01 16.04
CA TYR A 163 -26.15 -2.11 16.65
C TYR A 163 -27.10 -3.02 17.40
N GLY A 164 -26.86 -4.31 17.33
CA GLY A 164 -27.56 -5.24 18.21
C GLY A 164 -26.65 -5.66 19.35
N PHE A 165 -26.94 -5.20 20.57
CA PHE A 165 -26.01 -5.34 21.69
C PHE A 165 -26.45 -6.50 22.57
N GLN A 166 -25.77 -7.64 22.42
CA GLN A 166 -26.02 -8.80 23.27
C GLN A 166 -24.88 -8.95 24.26
N PRO A 167 -25.17 -9.22 25.54
CA PRO A 167 -24.08 -9.31 26.52
C PRO A 167 -23.05 -10.38 26.15
N THR A 168 -23.49 -11.46 25.51
CA THR A 168 -22.58 -12.50 25.05
C THR A 168 -21.68 -12.01 23.92
N ASN A 169 -22.09 -10.97 23.19
CA ASN A 169 -21.33 -10.52 22.03
C ASN A 169 -19.94 -10.05 22.46
N GLY A 170 -19.00 -10.16 21.52
CA GLY A 170 -17.61 -9.85 21.81
C GLY A 170 -17.39 -8.38 22.16
N VAL A 171 -16.20 -8.11 22.69
CA VAL A 171 -15.89 -6.79 23.25
C VAL A 171 -15.99 -5.72 22.17
N GLY A 172 -15.46 -5.99 20.98
CA GLY A 172 -15.60 -5.04 19.88
C GLY A 172 -17.05 -4.74 19.57
N TYR A 173 -17.89 -5.77 19.56
CA TYR A 173 -19.33 -5.60 19.38
C TYR A 173 -20.02 -5.25 20.69
N GLN A 174 -19.38 -5.48 21.83
CA GLN A 174 -19.92 -5.05 23.10
C GLN A 174 -19.96 -3.53 23.15
N PRO A 175 -20.98 -2.93 23.76
CA PRO A 175 -21.09 -1.47 23.75
C PRO A 175 -19.97 -0.83 24.57
N TYR A 176 -19.54 0.34 24.11
CA TYR A 176 -18.64 1.21 24.83
C TYR A 176 -19.22 2.61 24.81
N ARG A 177 -19.14 3.28 25.94
CA ARG A 177 -19.73 4.60 26.13
C ARG A 177 -18.61 5.62 26.08
N VAL A 178 -18.80 6.66 25.26
CA VAL A 178 -17.74 7.58 24.86
C VAL A 178 -18.14 9.00 25.23
N VAL A 179 -17.25 9.68 25.95
CA VAL A 179 -17.33 11.10 26.24
C VAL A 179 -16.15 11.78 25.57
N VAL A 180 -16.43 12.80 24.78
CA VAL A 180 -15.42 13.59 24.09
C VAL A 180 -15.42 14.97 24.72
N LEU A 181 -14.27 15.38 25.25
CA LEU A 181 -14.11 16.69 25.85
C LEU A 181 -13.38 17.58 24.85
N SER A 182 -14.05 18.64 24.38
CA SER A 182 -13.48 19.60 23.46
C SER A 182 -13.22 20.90 24.22
N PHE A 183 -11.98 21.35 24.21
CA PHE A 183 -11.57 22.51 24.98
C PHE A 183 -11.49 23.71 24.04
N GLU A 184 -12.29 24.74 24.30
CA GLU A 184 -12.43 25.88 23.40
C GLU A 184 -11.79 27.11 24.02
N LEU A 185 -10.77 27.63 23.34
CA LEU A 185 -10.10 28.88 23.71
C LEU A 185 -10.26 29.84 22.53
N LEU A 186 -11.41 30.51 22.49
CA LEU A 186 -11.56 31.65 21.59
C LEU A 186 -10.91 32.88 22.22
N HIS A 187 -10.85 33.96 21.44
CA HIS A 187 -10.35 35.22 21.99
C HIS A 187 -11.43 35.84 22.87
N ALA A 188 -11.72 35.18 23.98
CA ALA A 188 -12.87 35.44 24.82
C ALA A 188 -12.46 35.20 26.29
N PRO A 189 -13.21 35.77 27.23
CA PRO A 189 -12.88 35.52 28.65
C PRO A 189 -12.98 34.03 29.00
N ALA A 190 -12.08 33.62 29.90
CA ALA A 190 -11.93 32.21 30.26
C ALA A 190 -12.97 31.86 31.32
N THR A 191 -14.04 31.18 30.90
CA THR A 191 -15.12 30.84 31.81
C THR A 191 -14.81 29.64 32.69
N VAL A 192 -14.09 28.64 32.17
CA VAL A 192 -13.86 27.38 32.86
C VAL A 192 -12.39 27.27 33.22
N CYS A 193 -12.12 27.00 34.50
CA CYS A 193 -10.76 26.80 34.99
C CYS A 193 -10.78 25.77 36.10
N GLY A 194 -9.66 25.07 36.26
CA GLY A 194 -9.46 24.24 37.42
C GLY A 194 -9.16 25.10 38.63
N PRO A 195 -9.66 24.70 39.80
CA PRO A 195 -9.33 25.46 41.02
C PRO A 195 -7.84 25.55 41.27
N LYS A 196 -7.10 24.50 40.97
CA LYS A 196 -5.65 24.52 41.06
C LYS A 196 -5.05 25.29 39.89
N GLN B 1 -6.88 16.86 -0.16
CA GLN B 1 -6.50 15.49 0.11
C GLN B 1 -5.26 15.42 0.98
N VAL B 2 -4.96 14.22 1.49
CA VAL B 2 -3.76 13.96 2.25
C VAL B 2 -2.77 13.23 1.34
N GLN B 3 -1.62 13.85 1.11
CA GLN B 3 -0.65 13.33 0.15
C GLN B 3 0.73 13.23 0.79
N LEU B 4 1.38 12.10 0.62
CA LEU B 4 2.77 11.89 1.01
C LEU B 4 3.57 11.66 -0.26
N VAL B 5 4.55 12.54 -0.51
CA VAL B 5 5.35 12.51 -1.73
C VAL B 5 6.78 12.16 -1.36
N GLN B 6 7.36 11.18 -2.06
CA GLN B 6 8.69 10.69 -1.76
C GLN B 6 9.66 11.03 -2.90
N SER B 7 10.94 11.01 -2.57
CA SER B 7 11.98 11.39 -3.51
C SER B 7 12.10 10.37 -4.64
N GLY B 8 12.74 10.80 -5.72
CA GLY B 8 12.92 9.92 -6.86
C GLY B 8 13.87 8.78 -6.57
N ALA B 9 13.78 7.76 -7.43
CA ALA B 9 14.59 6.56 -7.26
C ALA B 9 16.08 6.90 -7.35
N GLU B 10 16.87 6.23 -6.52
CA GLU B 10 18.29 6.53 -6.36
C GLU B 10 19.12 5.30 -6.65
N VAL B 11 20.24 5.50 -7.34
CA VAL B 11 21.26 4.48 -7.56
C VAL B 11 22.54 4.96 -6.90
N LYS B 12 23.11 4.13 -6.03
CA LYS B 12 24.23 4.54 -5.20
C LYS B 12 25.29 3.46 -5.19
N LYS B 13 26.55 3.89 -5.22
CA LYS B 13 27.67 2.97 -5.15
C LYS B 13 27.77 2.38 -3.74
N PRO B 14 28.32 1.17 -3.60
CA PRO B 14 28.34 0.52 -2.28
C PRO B 14 29.12 1.34 -1.26
N GLY B 15 28.61 1.37 -0.03
CA GLY B 15 29.22 2.13 1.05
C GLY B 15 28.86 3.60 1.08
N ALA B 16 28.13 4.10 0.09
CA ALA B 16 27.73 5.49 0.07
C ALA B 16 26.55 5.72 1.02
N SER B 17 26.02 6.93 1.01
CA SER B 17 24.90 7.30 1.87
C SER B 17 23.70 7.68 1.01
N VAL B 18 22.53 7.13 1.34
CA VAL B 18 21.29 7.47 0.67
C VAL B 18 20.48 8.39 1.58
N LYS B 19 19.90 9.43 0.99
CA LYS B 19 18.96 10.30 1.68
C LYS B 19 17.65 10.28 0.91
N VAL B 20 16.57 9.89 1.58
CA VAL B 20 15.25 9.77 0.97
C VAL B 20 14.31 10.73 1.70
N SER B 21 13.58 11.52 0.94
CA SER B 21 12.74 12.58 1.48
C SER B 21 11.27 12.23 1.30
N CYS B 22 10.46 12.51 2.32
CA CYS B 22 9.02 12.34 2.27
C CYS B 22 8.35 13.68 2.53
N LYS B 23 7.64 14.20 1.53
CA LYS B 23 6.87 15.42 1.68
C LYS B 23 5.53 15.12 2.37
N ALA B 24 5.00 16.12 3.06
CA ALA B 24 3.74 16.02 3.77
C ALA B 24 2.77 17.08 3.28
N SER B 25 1.50 16.70 3.13
CA SER B 25 0.48 17.63 2.67
C SER B 25 -0.89 17.12 3.08
N GLY B 26 -1.82 18.06 3.26
CA GLY B 26 -3.20 17.74 3.60
C GLY B 26 -3.47 17.50 5.07
N TYR B 27 -2.49 17.72 5.94
CA TYR B 27 -2.67 17.49 7.37
C TYR B 27 -1.67 18.34 8.14
N THR B 28 -1.93 18.46 9.44
CA THR B 28 -1.02 19.20 10.31
C THR B 28 0.23 18.37 10.53
N PHE B 29 1.37 18.89 10.04
CA PHE B 29 2.62 18.15 10.10
C PHE B 29 3.01 17.81 11.53
N THR B 30 2.84 18.76 12.45
CA THR B 30 3.33 18.59 13.81
C THR B 30 2.52 17.52 14.56
N ARG B 31 1.21 17.43 14.28
CA ARG B 31 0.30 16.61 15.08
C ARG B 31 0.45 15.11 14.82
N TYR B 32 1.04 14.73 13.69
CA TYR B 32 1.26 13.33 13.35
C TYR B 32 2.75 13.00 13.34
N ALA B 33 3.03 11.71 13.32
CA ALA B 33 4.39 11.20 13.30
C ALA B 33 4.62 10.36 12.05
N MET B 34 5.87 10.33 11.60
CA MET B 34 6.23 9.67 10.35
C MET B 34 7.07 8.44 10.62
N HIS B 35 6.65 7.30 10.05
CA HIS B 35 7.37 6.05 10.12
C HIS B 35 7.99 5.73 8.77
N TRP B 36 9.14 5.08 8.79
CA TRP B 36 9.79 4.62 7.56
C TRP B 36 9.87 3.11 7.57
N VAL B 37 9.33 2.50 6.51
CA VAL B 37 9.26 1.06 6.35
C VAL B 37 9.96 0.68 5.05
N ARG B 38 10.78 -0.36 5.10
CA ARG B 38 11.51 -0.81 3.92
C ARG B 38 11.03 -2.19 3.49
N GLN B 39 10.91 -2.36 2.18
CA GLN B 39 10.56 -3.64 1.56
C GLN B 39 11.71 -4.06 0.65
N ALA B 40 12.46 -5.06 1.05
CA ALA B 40 13.42 -5.65 0.14
C ALA B 40 12.66 -6.33 -1.00
N PRO B 41 13.26 -6.41 -2.20
CA PRO B 41 12.52 -6.96 -3.35
C PRO B 41 11.91 -8.33 -3.09
N GLY B 42 10.59 -8.41 -3.20
CA GLY B 42 9.87 -9.65 -2.89
C GLY B 42 10.02 -10.09 -1.46
N GLN B 43 9.90 -9.16 -0.51
CA GLN B 43 10.07 -9.45 0.90
C GLN B 43 9.01 -8.73 1.72
N SER B 44 9.00 -9.00 3.01
CA SER B 44 8.02 -8.41 3.93
C SER B 44 8.47 -7.03 4.38
N LEU B 45 7.49 -6.26 4.86
CA LEU B 45 7.73 -4.89 5.31
C LEU B 45 8.42 -4.88 6.67
N GLU B 46 9.34 -3.92 6.85
CA GLU B 46 10.08 -3.76 8.08
C GLU B 46 10.11 -2.29 8.46
N CYS B 47 9.69 -1.98 9.69
CA CYS B 47 9.64 -0.61 10.18
C CYS B 47 10.98 -0.24 10.78
N MET B 48 11.70 0.69 10.12
CA MET B 48 13.03 1.07 10.58
C MET B 48 12.98 2.04 11.76
N GLY B 49 12.11 3.05 11.69
CA GLY B 49 12.04 4.01 12.78
C GLY B 49 10.89 4.97 12.60
N TRP B 50 10.70 5.79 13.63
CA TRP B 50 9.65 6.81 13.62
C TRP B 50 10.20 8.17 14.04
N ILE B 51 9.75 9.20 13.32
CA ILE B 51 10.05 10.60 13.62
C ILE B 51 8.76 11.27 14.09
N ASN B 52 8.87 12.06 15.16
CA ASN B 52 7.75 12.87 15.63
C ASN B 52 8.02 14.29 15.16
N ALA B 53 7.20 14.75 14.21
CA ALA B 53 7.50 16.00 13.51
C ALA B 53 7.51 17.19 14.45
N GLY B 54 6.62 17.21 15.45
CA GLY B 54 6.63 18.30 16.41
C GLY B 54 7.84 18.24 17.33
N ASN B 55 8.04 17.09 17.97
CA ASN B 55 9.13 16.96 18.94
C ASN B 55 10.50 16.93 18.24
N GLY B 56 10.57 16.29 17.08
CA GLY B 56 11.85 15.89 16.54
C GLY B 56 12.40 14.62 17.15
N ASN B 57 11.67 14.01 18.08
CA ASN B 57 12.17 12.84 18.79
C ASN B 57 12.22 11.63 17.87
N THR B 58 13.28 10.84 18.02
CA THR B 58 13.56 9.73 17.12
C THR B 58 13.64 8.43 17.89
N LYS B 59 13.21 7.34 17.26
CA LYS B 59 13.49 6.00 17.73
C LYS B 59 13.77 5.14 16.51
N TYR B 60 14.64 4.14 16.69
CA TYR B 60 15.09 3.33 15.57
C TYR B 60 15.04 1.85 15.95
N SER B 61 14.85 1.01 14.94
CA SER B 61 14.98 -0.44 15.12
C SER B 61 16.45 -0.81 15.26
N LYS B 62 16.69 -1.85 16.05
CA LYS B 62 18.07 -2.27 16.32
C LYS B 62 18.76 -2.79 15.06
N ASN B 63 18.03 -3.54 14.23
CA ASN B 63 18.63 -4.13 13.05
C ASN B 63 19.18 -3.07 12.10
N PHE B 64 18.44 -1.98 11.92
CA PHE B 64 18.85 -0.90 11.05
C PHE B 64 19.63 0.18 11.79
N GLN B 65 19.79 0.03 13.10
CA GLN B 65 20.48 1.03 13.91
C GLN B 65 21.95 1.09 13.53
N GLY B 66 22.56 2.24 13.80
CA GLY B 66 23.92 2.48 13.39
C GLY B 66 24.09 2.96 11.97
N ARG B 67 23.01 3.04 11.19
CA ARG B 67 23.04 3.58 9.83
C ARG B 67 21.95 4.60 9.54
N VAL B 68 20.80 4.58 10.22
CA VAL B 68 19.65 5.39 9.81
C VAL B 68 19.50 6.60 10.73
N THR B 69 19.43 7.79 10.12
CA THR B 69 19.06 9.01 10.81
C THR B 69 17.81 9.59 10.16
N ILE B 70 16.79 9.86 10.97
CA ILE B 70 15.53 10.41 10.47
C ILE B 70 15.40 11.83 10.99
N THR B 71 15.18 12.77 10.09
CA THR B 71 15.12 14.19 10.42
C THR B 71 13.81 14.77 9.91
N ARG B 72 13.65 16.07 10.12
CA ARG B 72 12.42 16.77 9.79
C ARG B 72 12.75 18.22 9.47
N ASP B 73 11.94 18.82 8.62
CA ASP B 73 11.95 20.26 8.38
C ASP B 73 10.52 20.76 8.57
N THR B 74 10.33 21.61 9.57
CA THR B 74 8.98 22.13 9.85
C THR B 74 8.46 22.97 8.69
N SER B 75 9.35 23.71 8.02
CA SER B 75 8.92 24.66 6.99
C SER B 75 8.27 23.96 5.81
N ALA B 76 8.96 22.98 5.23
CA ALA B 76 8.51 22.39 3.98
C ALA B 76 7.62 21.17 4.20
N ASN B 77 7.31 20.83 5.45
CA ASN B 77 6.53 19.63 5.76
C ASN B 77 7.17 18.40 5.12
N THR B 78 8.48 18.29 5.28
CA THR B 78 9.27 17.24 4.64
C THR B 78 10.10 16.51 5.67
N VAL B 79 10.06 15.17 5.64
CA VAL B 79 10.79 14.30 6.54
C VAL B 79 11.85 13.57 5.74
N TYR B 80 13.04 13.40 6.33
CA TYR B 80 14.17 12.80 5.64
C TYR B 80 14.60 11.54 6.35
N MET B 81 14.90 10.50 5.58
CA MET B 81 15.61 9.32 6.06
C MET B 81 16.98 9.28 5.41
N GLU B 82 18.01 9.07 6.21
CA GLU B 82 19.37 8.93 5.72
C GLU B 82 19.92 7.57 6.15
N LEU B 83 20.47 6.82 5.20
CA LEU B 83 21.15 5.57 5.50
C LEU B 83 22.56 5.64 4.92
N SER B 84 23.51 5.01 5.60
CA SER B 84 24.91 5.16 5.27
C SER B 84 25.59 3.80 5.25
N SER B 85 26.76 3.76 4.58
CA SER B 85 27.57 2.55 4.48
C SER B 85 26.75 1.37 3.96
N LEU B 86 26.07 1.61 2.84
CA LEU B 86 25.11 0.64 2.32
C LEU B 86 25.78 -0.67 1.98
N ARG B 87 25.19 -1.77 2.43
CA ARG B 87 25.55 -3.10 1.98
C ARG B 87 24.72 -3.47 0.75
N SER B 88 25.13 -4.54 0.07
CA SER B 88 24.37 -5.01 -1.08
C SER B 88 22.98 -5.44 -0.67
N GLU B 89 22.83 -5.97 0.55
CA GLU B 89 21.53 -6.42 1.04
C GLU B 89 20.55 -5.26 1.23
N ASP B 90 21.07 -4.02 1.29
CA ASP B 90 20.23 -2.87 1.61
C ASP B 90 19.27 -2.50 0.48
N THR B 91 19.56 -2.92 -0.75
CA THR B 91 18.73 -2.56 -1.90
C THR B 91 17.28 -2.96 -1.66
N ALA B 92 16.39 -1.96 -1.68
CA ALA B 92 15.01 -2.17 -1.29
C ALA B 92 14.20 -0.94 -1.68
N VAL B 93 12.87 -1.04 -1.50
CA VAL B 93 11.95 0.07 -1.64
C VAL B 93 11.63 0.60 -0.25
N TYR B 94 11.73 1.91 -0.07
CA TYR B 94 11.57 2.54 1.23
C TYR B 94 10.34 3.44 1.21
N TYR B 95 9.49 3.29 2.21
CA TYR B 95 8.21 3.98 2.29
C TYR B 95 8.15 4.86 3.53
N CYS B 96 7.44 5.97 3.40
CA CYS B 96 7.12 6.84 4.52
C CYS B 96 5.64 6.72 4.84
N ALA B 97 5.31 6.70 6.13
CA ALA B 97 3.94 6.49 6.56
C ALA B 97 3.62 7.40 7.74
N ARG B 98 2.33 7.61 7.96
CA ARG B 98 1.83 8.57 8.93
C ARG B 98 1.13 7.85 10.07
N ASP B 99 1.55 8.16 11.29
CA ASP B 99 0.92 7.62 12.50
C ASP B 99 0.56 8.77 13.43
N LEU B 100 -0.66 8.76 13.94
CA LEU B 100 -1.07 9.73 14.94
C LEU B 100 -0.33 9.46 16.24
N TYR B 101 0.02 10.53 16.95
CA TYR B 101 0.53 10.40 18.31
C TYR B 101 -0.55 10.85 19.27
N TYR B 102 -0.70 10.11 20.36
CA TYR B 102 -1.65 10.44 21.42
C TYR B 102 -0.91 10.64 22.74
N TYR B 103 -1.64 11.18 23.70
CA TYR B 103 -1.08 11.58 24.99
C TYR B 103 -1.75 10.74 26.06
N ASP B 104 -0.94 10.10 26.92
CA ASP B 104 -1.51 9.37 28.03
C ASP B 104 -1.89 10.34 29.15
N SER B 105 -2.66 9.83 30.12
CA SER B 105 -3.13 10.70 31.20
C SER B 105 -1.98 11.28 32.01
N SER B 106 -0.88 10.55 32.14
CA SER B 106 0.30 11.09 32.80
C SER B 106 0.99 12.14 31.95
N GLY B 107 0.65 12.26 30.66
CA GLY B 107 1.20 13.29 29.80
C GLY B 107 2.31 12.85 28.90
N TYR B 108 2.64 11.56 28.85
CA TYR B 108 3.70 11.06 27.98
C TYR B 108 3.14 10.66 26.62
N GLN B 109 3.86 11.05 25.57
CA GLN B 109 3.39 10.83 24.21
C GLN B 109 3.52 9.37 23.82
N HIS B 110 2.56 8.89 23.03
CA HIS B 110 2.55 7.53 22.54
C HIS B 110 2.13 7.54 21.08
N ILE B 111 2.56 6.53 20.34
CA ILE B 111 2.27 6.42 18.91
C ILE B 111 1.09 5.48 18.70
N ASN B 112 0.13 5.92 17.90
CA ASN B 112 -0.91 5.02 17.43
C ASN B 112 -0.31 4.09 16.38
N TYR B 113 -0.58 2.80 16.51
CA TYR B 113 0.10 1.82 15.67
C TYR B 113 -0.35 1.94 14.21
N GLN B 114 -1.50 2.56 13.98
CA GLN B 114 -2.08 2.64 12.64
C GLN B 114 -1.22 3.51 11.72
N LEU B 115 -0.86 2.95 10.57
CA LEU B 115 -0.17 3.69 9.51
C LEU B 115 -1.24 4.08 8.50
N ASP B 116 -1.78 5.29 8.65
CA ASP B 116 -2.98 5.68 7.91
C ASP B 116 -2.69 5.81 6.41
N TYR B 117 -1.60 6.49 6.07
CA TYR B 117 -1.32 6.82 4.68
C TYR B 117 0.16 6.54 4.40
N TRP B 118 0.45 6.24 3.14
CA TRP B 118 1.78 5.79 2.74
C TRP B 118 2.30 6.62 1.58
N GLY B 119 3.62 6.82 1.58
CA GLY B 119 4.28 7.44 0.45
C GLY B 119 4.43 6.48 -0.72
N GLN B 120 4.70 7.06 -1.90
CA GLN B 120 4.78 6.26 -3.11
C GLN B 120 5.89 5.23 -3.05
N GLY B 121 7.01 5.56 -2.39
CA GLY B 121 8.11 4.64 -2.28
C GLY B 121 9.30 5.01 -3.13
N THR B 122 10.46 5.13 -2.51
CA THR B 122 11.70 5.46 -3.21
C THR B 122 12.58 4.22 -3.23
N LEU B 123 13.07 3.86 -4.42
CA LEU B 123 13.86 2.66 -4.59
C LEU B 123 15.33 3.01 -4.53
N VAL B 124 16.09 2.21 -3.79
CA VAL B 124 17.53 2.41 -3.63
C VAL B 124 18.22 1.16 -4.16
N THR B 125 18.92 1.30 -5.29
CA THR B 125 19.73 0.23 -5.85
C THR B 125 21.19 0.47 -5.49
N VAL B 126 21.78 -0.48 -4.77
CA VAL B 126 23.19 -0.43 -4.41
C VAL B 126 23.92 -1.38 -5.34
N SER B 127 24.74 -0.83 -6.24
CA SER B 127 25.42 -1.63 -7.25
C SER B 127 26.87 -1.18 -7.39
N SER B 128 27.77 -2.14 -7.52
CA SER B 128 29.17 -1.84 -7.78
C SER B 128 29.34 -1.19 -9.15
N ALA B 129 28.58 -1.64 -10.14
CA ALA B 129 28.73 -1.17 -11.51
C ALA B 129 28.35 0.30 -11.63
N SER B 130 29.13 1.04 -12.43
CA SER B 130 28.87 2.43 -12.71
C SER B 130 27.97 2.58 -13.93
N THR B 131 27.55 3.81 -14.20
CA THR B 131 26.63 4.08 -15.30
C THR B 131 27.27 3.72 -16.64
N LYS B 132 26.48 3.06 -17.49
CA LYS B 132 26.92 2.67 -18.82
C LYS B 132 25.83 3.00 -19.84
N GLY B 133 26.26 3.27 -21.06
CA GLY B 133 25.37 3.70 -22.11
C GLY B 133 24.59 2.55 -22.73
N PRO B 134 23.43 2.86 -23.28
CA PRO B 134 22.62 1.82 -23.95
C PRO B 134 23.05 1.62 -25.39
N SER B 135 23.23 0.36 -25.77
CA SER B 135 23.53 0.00 -27.15
C SER B 135 22.29 -0.64 -27.75
N VAL B 136 21.73 -0.03 -28.79
CA VAL B 136 20.52 -0.49 -29.44
C VAL B 136 20.90 -1.21 -30.72
N PHE B 137 20.52 -2.48 -30.81
CA PHE B 137 20.85 -3.33 -31.94
C PHE B 137 19.56 -3.80 -32.60
N PRO B 138 19.43 -3.67 -33.92
CA PRO B 138 18.14 -3.95 -34.55
C PRO B 138 17.80 -5.43 -34.52
N LEU B 139 16.58 -5.74 -34.13
CA LEU B 139 16.03 -7.09 -34.25
C LEU B 139 15.19 -7.08 -35.51
N ALA B 140 15.81 -7.50 -36.62
CA ALA B 140 15.30 -7.20 -37.94
C ALA B 140 13.95 -7.86 -38.18
N PRO B 141 13.16 -7.33 -39.12
CA PRO B 141 12.03 -8.09 -39.64
C PRO B 141 12.47 -9.46 -40.11
N SER B 142 12.06 -10.49 -39.36
CA SER B 142 12.46 -11.87 -39.65
C SER B 142 11.29 -12.55 -40.34
N SER B 143 11.27 -12.46 -41.67
CA SER B 143 10.23 -13.08 -42.47
C SER B 143 10.58 -14.56 -42.61
N LYS B 144 10.09 -15.35 -41.65
CA LYS B 144 10.17 -16.80 -41.75
C LYS B 144 9.08 -17.36 -42.65
N SER B 145 8.25 -16.49 -43.24
CA SER B 145 7.17 -16.84 -44.14
C SER B 145 6.05 -17.61 -43.45
N THR B 146 5.99 -17.53 -42.11
CA THR B 146 4.99 -18.29 -41.36
C THR B 146 3.58 -17.84 -41.70
N SER B 147 3.34 -16.53 -41.72
CA SER B 147 2.02 -16.01 -42.04
C SER B 147 2.17 -14.58 -42.53
N GLY B 148 1.24 -14.17 -43.41
CA GLY B 148 1.24 -12.80 -43.87
C GLY B 148 0.75 -11.81 -42.83
N GLY B 149 -0.04 -12.27 -41.87
CA GLY B 149 -0.58 -11.37 -40.87
C GLY B 149 0.47 -10.80 -39.92
N THR B 150 1.43 -11.63 -39.52
CA THR B 150 2.33 -11.30 -38.42
C THR B 150 3.74 -11.05 -38.93
N ALA B 151 4.36 -10.00 -38.40
CA ALA B 151 5.79 -9.75 -38.56
C ALA B 151 6.37 -9.38 -37.21
N ALA B 152 7.64 -9.69 -37.00
CA ALA B 152 8.32 -9.46 -35.73
C ALA B 152 9.45 -8.47 -35.94
N LEU B 153 9.32 -7.29 -35.32
CA LEU B 153 10.32 -6.23 -35.41
C LEU B 153 10.75 -5.86 -33.99
N GLY B 154 12.05 -5.65 -33.79
CA GLY B 154 12.50 -5.40 -32.44
C GLY B 154 13.77 -4.58 -32.36
N CYS B 155 14.11 -4.23 -31.12
CA CYS B 155 15.36 -3.58 -30.78
C CYS B 155 15.87 -4.17 -29.48
N LEU B 156 17.18 -4.41 -29.42
CA LEU B 156 17.82 -4.94 -28.22
C LEU B 156 18.64 -3.81 -27.59
N VAL B 157 18.18 -3.33 -26.44
CA VAL B 157 18.93 -2.37 -25.64
C VAL B 157 19.85 -3.18 -24.73
N LYS B 158 21.15 -3.10 -24.96
CA LYS B 158 22.10 -4.05 -24.41
C LYS B 158 23.16 -3.34 -23.58
N ASP B 159 23.52 -3.95 -22.45
CA ASP B 159 24.63 -3.53 -21.60
C ASP B 159 24.49 -2.07 -21.18
N TYR B 160 23.37 -1.78 -20.52
CA TYR B 160 23.05 -0.45 -20.05
C TYR B 160 22.88 -0.46 -18.53
N PHE B 161 23.28 0.65 -17.89
CA PHE B 161 23.14 0.86 -16.46
C PHE B 161 23.25 2.34 -16.18
N PRO B 162 22.43 2.90 -15.28
CA PRO B 162 21.36 2.18 -14.58
C PRO B 162 20.01 2.23 -15.30
N GLU B 163 19.05 1.49 -14.76
CA GLU B 163 17.67 1.61 -15.16
C GLU B 163 17.13 2.97 -14.71
N PRO B 164 16.02 3.44 -15.30
CA PRO B 164 15.23 2.87 -16.40
C PRO B 164 15.67 3.31 -17.80
N VAL B 165 15.13 2.63 -18.81
CA VAL B 165 15.20 3.06 -20.20
C VAL B 165 13.78 3.01 -20.77
N THR B 166 13.42 4.04 -21.53
CA THR B 166 12.09 4.15 -22.12
C THR B 166 12.19 3.92 -23.62
N VAL B 167 11.37 3.00 -24.13
CA VAL B 167 11.38 2.62 -25.54
C VAL B 167 10.04 2.95 -26.15
N SER B 168 10.06 3.75 -27.22
CA SER B 168 8.88 4.06 -28.00
C SER B 168 9.18 3.76 -29.46
N TRP B 169 8.13 3.41 -30.21
CA TRP B 169 8.27 3.01 -31.60
C TRP B 169 7.61 4.04 -32.51
N ASN B 170 8.36 4.53 -33.50
CA ASN B 170 7.86 5.50 -34.47
C ASN B 170 7.31 6.75 -33.80
N SER B 171 8.04 7.28 -32.81
CA SER B 171 7.70 8.53 -32.11
C SER B 171 6.36 8.43 -31.37
N GLY B 172 6.05 7.26 -30.81
CA GLY B 172 4.77 7.06 -30.17
C GLY B 172 3.64 6.73 -31.12
N ALA B 173 3.89 6.72 -32.42
CA ALA B 173 2.86 6.33 -33.38
C ALA B 173 2.45 4.88 -33.19
N LEU B 174 3.43 4.01 -33.00
CA LEU B 174 3.22 2.57 -33.00
C LEU B 174 2.98 2.16 -31.55
N THR B 175 1.72 1.91 -31.21
CA THR B 175 1.34 1.48 -29.89
C THR B 175 0.55 0.17 -29.92
N SER B 176 0.37 -0.43 -31.08
CA SER B 176 -0.39 -1.66 -31.22
C SER B 176 0.57 -2.80 -31.54
N GLY B 177 0.46 -3.89 -30.78
CA GLY B 177 1.37 -5.00 -30.93
C GLY B 177 2.75 -4.75 -30.38
N VAL B 178 2.95 -3.64 -29.69
CA VAL B 178 4.26 -3.27 -29.16
C VAL B 178 4.38 -3.85 -27.76
N HIS B 179 5.32 -4.78 -27.59
CA HIS B 179 5.62 -5.38 -26.30
C HIS B 179 7.06 -5.05 -25.92
N THR B 180 7.23 -4.33 -24.82
CA THR B 180 8.55 -4.02 -24.28
C THR B 180 8.76 -4.88 -23.04
N PHE B 181 9.54 -5.94 -23.19
CA PHE B 181 9.70 -6.96 -22.18
C PHE B 181 10.61 -6.47 -21.04
N PRO B 182 10.42 -6.99 -19.82
CA PRO B 182 11.20 -6.51 -18.69
C PRO B 182 12.69 -6.78 -18.86
N ALA B 183 13.50 -5.89 -18.29
CA ALA B 183 14.95 -5.99 -18.42
C ALA B 183 15.50 -7.11 -17.55
N VAL B 184 16.71 -7.53 -17.89
CA VAL B 184 17.41 -8.60 -17.18
C VAL B 184 18.68 -8.02 -16.56
N LEU B 185 18.86 -8.28 -15.27
CA LEU B 185 20.11 -7.94 -14.59
C LEU B 185 21.11 -9.07 -14.83
N GLN B 186 22.15 -8.77 -15.60
CA GLN B 186 23.14 -9.75 -16.01
C GLN B 186 24.11 -10.05 -14.86
N SER B 187 24.87 -11.14 -15.03
CA SER B 187 26.01 -11.37 -14.16
C SER B 187 27.02 -10.24 -14.28
N SER B 188 27.03 -9.55 -15.43
CA SER B 188 27.78 -8.31 -15.57
C SER B 188 27.33 -7.25 -14.57
N GLY B 189 26.09 -7.35 -14.10
CA GLY B 189 25.47 -6.25 -13.39
C GLY B 189 24.86 -5.21 -14.29
N LEU B 190 24.95 -5.40 -15.61
CA LEU B 190 24.40 -4.52 -16.60
C LEU B 190 22.99 -4.99 -16.97
N TYR B 191 22.23 -4.12 -17.63
CA TYR B 191 20.83 -4.38 -17.95
C TYR B 191 20.66 -4.62 -19.44
N SER B 192 19.78 -5.54 -19.80
CA SER B 192 19.49 -5.87 -21.19
C SER B 192 17.98 -5.82 -21.39
N LEU B 193 17.54 -5.13 -22.44
CA LEU B 193 16.13 -4.91 -22.70
C LEU B 193 15.84 -5.16 -24.17
N SER B 194 14.69 -5.78 -24.46
CA SER B 194 14.24 -6.02 -25.82
C SER B 194 12.77 -5.60 -25.96
N SER B 195 12.48 -4.87 -27.03
CA SER B 195 11.14 -4.41 -27.35
C SER B 195 10.75 -4.87 -28.74
N VAL B 196 9.56 -5.44 -28.89
CA VAL B 196 9.09 -5.93 -30.17
C VAL B 196 7.75 -5.29 -30.52
N VAL B 197 7.49 -5.22 -31.82
CA VAL B 197 6.21 -4.73 -32.35
C VAL B 197 5.77 -5.68 -33.44
N THR B 198 4.49 -6.05 -33.42
CA THR B 198 3.89 -6.91 -34.44
C THR B 198 3.13 -6.05 -35.44
N VAL B 199 3.54 -6.12 -36.70
CA VAL B 199 2.92 -5.32 -37.76
C VAL B 199 2.63 -6.24 -38.94
N PRO B 200 1.73 -5.83 -39.83
CA PRO B 200 1.45 -6.66 -41.01
C PRO B 200 2.68 -6.85 -41.89
N SER B 201 2.79 -8.05 -42.48
CA SER B 201 3.89 -8.31 -43.40
C SER B 201 3.80 -7.43 -44.64
N SER B 202 2.59 -6.97 -45.00
CA SER B 202 2.45 -6.00 -46.07
C SER B 202 3.11 -4.68 -45.72
N SER B 203 3.22 -4.36 -44.43
CA SER B 203 3.61 -3.02 -44.01
C SER B 203 5.11 -2.76 -44.11
N LEU B 204 5.95 -3.79 -43.97
CA LEU B 204 7.40 -3.61 -43.94
C LEU B 204 7.90 -2.79 -45.12
N GLY B 205 7.48 -3.15 -46.33
CA GLY B 205 7.84 -2.33 -47.49
C GLY B 205 7.17 -0.97 -47.47
N THR B 206 5.91 -0.91 -47.03
CA THR B 206 5.13 0.33 -47.16
C THR B 206 5.50 1.37 -46.12
N GLN B 207 5.94 0.95 -44.93
CA GLN B 207 6.16 1.88 -43.83
C GLN B 207 7.47 1.57 -43.13
N THR B 208 8.18 2.62 -42.71
CA THR B 208 9.38 2.43 -41.92
C THR B 208 9.00 2.15 -40.46
N TYR B 209 9.95 1.57 -39.73
CA TYR B 209 9.74 1.22 -38.33
C TYR B 209 11.01 1.54 -37.54
N ILE B 210 10.91 2.53 -36.66
CA ILE B 210 12.05 3.03 -35.89
C ILE B 210 11.72 2.91 -34.41
N CYS B 211 12.66 2.39 -33.63
CA CYS B 211 12.52 2.33 -32.19
C CYS B 211 13.27 3.50 -31.56
N ASN B 212 12.58 4.26 -30.72
CA ASN B 212 13.15 5.41 -30.04
C ASN B 212 13.41 5.02 -28.59
N VAL B 213 14.68 4.89 -28.23
CA VAL B 213 15.10 4.44 -26.90
C VAL B 213 15.76 5.61 -26.19
N ASN B 214 15.29 5.92 -24.99
CA ASN B 214 15.82 7.01 -24.18
C ASN B 214 16.37 6.45 -22.88
N HIS B 215 17.58 6.90 -22.51
CA HIS B 215 18.23 6.51 -21.26
C HIS B 215 18.68 7.80 -20.58
N LYS B 216 17.76 8.42 -19.83
CA LYS B 216 18.09 9.66 -19.13
C LYS B 216 19.22 9.53 -18.13
N PRO B 217 19.34 8.45 -17.34
CA PRO B 217 20.50 8.32 -16.45
C PRO B 217 21.84 8.47 -17.15
N SER B 218 21.93 8.05 -18.42
CA SER B 218 23.13 8.24 -19.21
C SER B 218 23.02 9.40 -20.19
N ASN B 219 21.87 10.08 -20.24
CA ASN B 219 21.60 11.13 -21.22
C ASN B 219 21.95 10.63 -22.63
N THR B 220 21.14 9.66 -23.07
CA THR B 220 21.37 9.01 -24.35
C THR B 220 20.04 8.62 -24.96
N LYS B 221 19.78 9.07 -26.19
CA LYS B 221 18.56 8.73 -26.91
C LYS B 221 18.97 8.12 -28.25
N VAL B 222 18.64 6.85 -28.44
CA VAL B 222 19.02 6.09 -29.62
C VAL B 222 17.76 5.80 -30.41
N ASP B 223 17.66 6.37 -31.61
CA ASP B 223 16.55 6.11 -32.52
C ASP B 223 17.08 5.21 -33.62
N LYS B 224 16.79 3.91 -33.52
CA LYS B 224 17.31 2.92 -34.44
C LYS B 224 16.19 2.40 -35.33
N ARG B 225 16.40 2.47 -36.65
CA ARG B 225 15.43 1.93 -37.59
C ARG B 225 15.64 0.43 -37.75
N VAL B 226 14.53 -0.31 -37.86
CA VAL B 226 14.58 -1.76 -37.97
C VAL B 226 14.27 -2.16 -39.41
N GLU B 227 15.31 -2.34 -40.23
CA GLU B 227 15.15 -2.62 -41.65
C GLU B 227 15.16 -4.12 -41.89
N PRO B 228 14.37 -4.60 -42.86
CA PRO B 228 14.25 -6.04 -43.08
C PRO B 228 15.57 -6.70 -43.42
N LYS B 229 15.76 -7.90 -42.88
CA LYS B 229 16.96 -8.70 -43.13
C LYS B 229 16.79 -9.56 -44.37
N VAL C 3 8.53 -12.76 14.90
CA VAL C 3 7.70 -12.25 13.82
C VAL C 3 6.22 -12.52 14.10
N MET C 4 5.37 -12.27 13.11
CA MET C 4 3.96 -12.58 13.19
C MET C 4 3.61 -13.56 12.08
N THR C 5 2.91 -14.64 12.45
CA THR C 5 2.65 -15.74 11.52
C THR C 5 1.49 -15.39 10.61
N GLN C 6 1.80 -15.06 9.36
CA GLN C 6 0.79 -14.85 8.32
C GLN C 6 0.86 -16.03 7.35
N SER C 7 -0.26 -16.70 7.16
CA SER C 7 -0.25 -17.98 6.48
C SER C 7 -1.27 -18.01 5.34
N PRO C 8 -0.93 -18.69 4.23
CA PRO C 8 0.43 -19.17 3.99
C PRO C 8 1.27 -18.07 3.37
N GLY C 9 2.37 -18.43 2.71
CA GLY C 9 2.97 -17.50 1.76
C GLY C 9 2.02 -17.18 0.62
N THR C 10 1.14 -18.11 0.29
CA THR C 10 0.18 -17.97 -0.81
C THR C 10 -1.14 -18.61 -0.39
N LEU C 11 -2.21 -17.82 -0.40
CA LEU C 11 -3.57 -18.34 -0.25
C LEU C 11 -4.33 -18.07 -1.54
N SER C 12 -4.93 -19.10 -2.12
CA SER C 12 -5.57 -19.01 -3.42
C SER C 12 -7.07 -19.26 -3.28
N LEU C 13 -7.86 -18.51 -4.05
CA LEU C 13 -9.31 -18.54 -3.89
C LEU C 13 -9.96 -18.30 -5.25
N SER C 14 -11.07 -19.01 -5.50
CA SER C 14 -11.82 -18.85 -6.74
C SER C 14 -12.62 -17.54 -6.72
N PRO C 15 -12.90 -16.96 -7.89
CA PRO C 15 -13.73 -15.75 -7.92
C PRO C 15 -15.12 -16.02 -7.38
N GLY C 16 -15.66 -15.02 -6.66
CA GLY C 16 -16.94 -15.13 -6.01
C GLY C 16 -16.92 -15.85 -4.68
N GLU C 17 -15.78 -16.43 -4.31
CA GLU C 17 -15.62 -17.19 -3.07
C GLU C 17 -15.16 -16.26 -1.94
N ARG C 18 -15.13 -16.79 -0.72
CA ARG C 18 -14.72 -16.03 0.45
C ARG C 18 -13.35 -16.49 0.91
N ALA C 19 -12.42 -15.55 1.06
CA ALA C 19 -11.03 -15.84 1.43
C ALA C 19 -10.76 -15.39 2.87
N THR C 20 -9.99 -16.18 3.59
CA THR C 20 -9.63 -15.93 4.97
C THR C 20 -8.11 -16.00 5.12
N LEU C 21 -7.52 -14.91 5.61
CA LEU C 21 -6.08 -14.81 5.82
C LEU C 21 -5.81 -14.68 7.31
N SER C 22 -4.91 -15.49 7.85
CA SER C 22 -4.74 -15.64 9.29
C SER C 22 -3.39 -15.09 9.74
N CYS C 23 -3.41 -14.31 10.81
CA CYS C 23 -2.21 -13.80 11.49
C CYS C 23 -2.27 -14.19 12.95
N ARG C 24 -1.19 -14.82 13.45
CA ARG C 24 -1.15 -15.32 14.82
C ARG C 24 0.17 -14.95 15.48
N ALA C 25 0.08 -14.50 16.74
CA ALA C 25 1.24 -14.19 17.55
C ALA C 25 0.82 -14.22 19.02
N SER C 26 1.80 -14.44 19.91
CA SER C 26 1.47 -14.66 21.31
C SER C 26 1.67 -13.42 22.18
N GLN C 27 2.91 -12.93 22.25
CA GLN C 27 3.18 -11.74 23.05
C GLN C 27 3.03 -10.45 22.26
N SER C 28 3.01 -10.54 20.93
CA SER C 28 2.78 -9.36 20.12
C SER C 28 1.35 -8.86 20.27
N VAL C 29 0.37 -9.77 20.20
CA VAL C 29 -1.01 -9.34 20.32
C VAL C 29 -1.29 -8.80 21.71
N SER C 30 -1.05 -9.62 22.74
CA SER C 30 -1.09 -9.19 24.15
C SER C 30 -2.22 -8.22 24.46
N SER C 31 -3.38 -8.43 23.84
CA SER C 31 -4.56 -7.55 23.86
C SER C 31 -4.34 -6.26 23.09
N ASN C 32 -3.20 -6.09 22.40
CA ASN C 32 -2.96 -4.90 21.60
C ASN C 32 -3.67 -5.04 20.25
N TYR C 33 -3.67 -3.94 19.49
CA TYR C 33 -4.41 -3.88 18.24
C TYR C 33 -3.66 -4.59 17.12
N LEU C 34 -4.42 -5.06 16.13
CA LEU C 34 -3.87 -5.69 14.93
C LEU C 34 -4.47 -4.99 13.72
N ALA C 35 -3.63 -4.61 12.76
CA ALA C 35 -4.04 -3.84 11.59
C ALA C 35 -3.59 -4.54 10.31
N TRP C 36 -4.41 -4.41 9.26
CA TRP C 36 -4.17 -5.09 7.99
C TRP C 36 -4.02 -4.09 6.86
N TYR C 37 -3.14 -4.40 5.91
CA TYR C 37 -2.86 -3.55 4.76
C TYR C 37 -2.97 -4.37 3.48
N GLN C 38 -3.18 -3.65 2.37
CA GLN C 38 -3.24 -4.25 1.05
C GLN C 38 -2.16 -3.64 0.18
N GLN C 39 -1.39 -4.50 -0.49
CA GLN C 39 -0.34 -4.05 -1.41
C GLN C 39 -0.58 -4.64 -2.79
N LYS C 40 -1.02 -3.80 -3.71
CA LYS C 40 -1.09 -4.21 -5.11
C LYS C 40 0.32 -4.31 -5.69
N ALA C 41 0.43 -5.06 -6.78
CA ALA C 41 1.74 -5.30 -7.38
C ALA C 41 2.42 -4.00 -7.79
N GLY C 42 3.62 -3.77 -7.26
CA GLY C 42 4.41 -2.61 -7.62
C GLY C 42 3.98 -1.30 -6.99
N GLN C 43 3.12 -1.33 -5.97
CA GLN C 43 2.59 -0.12 -5.36
C GLN C 43 2.74 -0.19 -3.84
N ALA C 44 2.63 0.96 -3.19
CA ALA C 44 2.80 1.03 -1.75
C ALA C 44 1.58 0.46 -1.03
N PRO C 45 1.76 -0.04 0.19
CA PRO C 45 0.64 -0.62 0.92
C PRO C 45 -0.45 0.40 1.22
N ARG C 46 -1.70 -0.08 1.22
CA ARG C 46 -2.86 0.72 1.55
C ARG C 46 -3.64 0.00 2.65
N LEU C 47 -4.00 0.74 3.70
CA LEU C 47 -4.67 0.16 4.84
C LEU C 47 -6.08 -0.28 4.46
N LEU C 48 -6.47 -1.47 4.91
CA LEU C 48 -7.80 -2.01 4.68
C LEU C 48 -8.65 -2.02 5.95
N ILE C 49 -8.12 -2.57 7.04
CA ILE C 49 -8.80 -2.63 8.33
C ILE C 49 -7.82 -2.21 9.41
N TYR C 50 -8.29 -1.38 10.34
CA TYR C 50 -7.50 -0.98 11.50
C TYR C 50 -8.20 -1.45 12.76
N GLY C 51 -7.46 -2.13 13.63
CA GLY C 51 -7.98 -2.70 14.85
C GLY C 51 -8.71 -4.02 14.69
N ALA C 52 -8.72 -4.59 13.48
CA ALA C 52 -9.28 -5.88 13.08
C ALA C 52 -10.80 -5.88 12.94
N SER C 53 -11.48 -4.76 13.20
CA SER C 53 -12.92 -4.69 12.96
C SER C 53 -13.41 -3.35 12.42
N SER C 54 -12.52 -2.41 12.12
CA SER C 54 -12.90 -1.09 11.64
C SER C 54 -12.20 -0.81 10.31
N ARG C 55 -12.95 -0.29 9.35
CA ARG C 55 -12.49 -0.15 7.98
C ARG C 55 -12.34 1.32 7.62
N ALA C 56 -11.23 1.65 6.95
CA ALA C 56 -11.04 2.99 6.44
C ALA C 56 -11.96 3.22 5.24
N THR C 57 -12.21 4.48 4.94
CA THR C 57 -12.97 4.83 3.76
C THR C 57 -12.17 4.47 2.50
N ASP C 58 -12.88 4.32 1.40
CA ASP C 58 -12.39 3.80 0.12
C ASP C 58 -12.06 2.31 0.18
N ILE C 59 -12.46 1.64 1.24
CA ILE C 59 -12.32 0.16 1.33
C ILE C 59 -13.67 -0.44 1.08
N PRO C 60 -13.81 -1.34 0.07
CA PRO C 60 -15.13 -1.93 -0.21
C PRO C 60 -15.64 -2.77 0.94
N ASP C 61 -16.98 -2.89 1.01
CA ASP C 61 -17.63 -3.58 2.10
C ASP C 61 -17.29 -5.06 2.15
N ARG C 62 -16.83 -5.64 1.04
CA ARG C 62 -16.50 -7.06 1.02
C ARG C 62 -15.37 -7.39 1.99
N PHE C 63 -14.45 -6.45 2.19
CA PHE C 63 -13.39 -6.64 3.18
C PHE C 63 -13.97 -6.60 4.59
N SER C 64 -13.51 -7.50 5.44
CA SER C 64 -13.95 -7.56 6.83
C SER C 64 -12.91 -8.31 7.64
N GLY C 65 -12.94 -8.13 8.95
CA GLY C 65 -11.94 -8.70 9.82
C GLY C 65 -12.54 -9.19 11.12
N SER C 66 -11.77 -10.03 11.81
CA SER C 66 -12.15 -10.57 13.11
C SER C 66 -10.90 -10.66 13.99
N GLY C 67 -11.12 -10.70 15.30
CA GLY C 67 -10.04 -10.86 16.25
C GLY C 67 -10.32 -11.93 17.27
N SER C 68 -9.43 -12.91 17.38
CA SER C 68 -9.60 -14.06 18.28
C SER C 68 -8.33 -14.25 19.10
N GLY C 69 -8.23 -13.52 20.21
CA GLY C 69 -7.09 -13.66 21.10
C GLY C 69 -5.75 -13.49 20.42
N THR C 70 -4.96 -14.57 20.37
CA THR C 70 -3.64 -14.51 19.78
C THR C 70 -3.69 -14.25 18.27
N ASP C 71 -4.77 -14.65 17.62
CA ASP C 71 -4.84 -14.62 16.16
C ASP C 71 -6.02 -13.78 15.68
N PHE C 72 -5.92 -13.32 14.44
CA PHE C 72 -6.95 -12.52 13.79
C PHE C 72 -6.94 -12.84 12.30
N THR C 73 -7.98 -12.40 11.59
CA THR C 73 -8.08 -12.74 10.18
C THR C 73 -8.63 -11.58 9.35
N LEU C 74 -8.31 -11.65 8.06
CA LEU C 74 -8.83 -10.76 7.02
C LEU C 74 -9.74 -11.55 6.10
N THR C 75 -10.93 -11.02 5.83
CA THR C 75 -11.95 -11.74 5.08
C THR C 75 -12.38 -10.93 3.86
N ILE C 76 -12.36 -11.56 2.69
CA ILE C 76 -12.92 -11.02 1.46
C ILE C 76 -14.05 -11.95 1.06
N SER C 77 -15.29 -11.54 1.32
CA SER C 77 -16.43 -12.42 1.04
C SER C 77 -16.62 -12.65 -0.44
N ARG C 78 -16.46 -11.62 -1.26
CA ARG C 78 -16.62 -11.73 -2.71
C ARG C 78 -15.28 -11.46 -3.38
N LEU C 79 -14.85 -12.38 -4.23
CA LEU C 79 -13.55 -12.30 -4.89
C LEU C 79 -13.71 -11.65 -6.26
N GLU C 80 -12.90 -10.63 -6.51
CA GLU C 80 -12.89 -9.88 -7.76
C GLU C 80 -11.46 -9.77 -8.24
N PRO C 81 -11.23 -9.56 -9.54
CA PRO C 81 -9.85 -9.45 -10.03
C PRO C 81 -9.06 -8.33 -9.36
N GLU C 82 -9.74 -7.25 -9.00
CA GLU C 82 -9.07 -6.14 -8.33
C GLU C 82 -8.51 -6.57 -6.97
N ASP C 83 -9.15 -7.53 -6.31
CA ASP C 83 -8.73 -7.96 -4.98
C ASP C 83 -7.36 -8.64 -5.00
N PHE C 84 -6.91 -9.10 -6.17
CA PHE C 84 -5.60 -9.71 -6.34
C PHE C 84 -4.49 -8.81 -5.79
N ALA C 85 -3.82 -9.26 -4.73
CA ALA C 85 -2.77 -8.47 -4.09
C ALA C 85 -2.06 -9.30 -3.03
N MET C 86 -1.11 -8.67 -2.35
CA MET C 86 -0.46 -9.23 -1.17
C MET C 86 -0.94 -8.46 0.06
N TYR C 87 -1.39 -9.19 1.08
CA TYR C 87 -2.04 -8.61 2.25
C TYR C 87 -1.18 -8.86 3.49
N TYR C 88 -1.13 -7.89 4.39
CA TYR C 88 -0.22 -7.91 5.52
C TYR C 88 -0.98 -7.65 6.82
N CYS C 89 -0.38 -8.10 7.93
CA CYS C 89 -0.90 -7.85 9.27
C CYS C 89 0.16 -7.15 10.10
N GLN C 90 -0.27 -6.24 10.98
CA GLN C 90 0.64 -5.47 11.82
C GLN C 90 0.12 -5.42 13.25
N GLN C 91 1.06 -5.40 14.21
CA GLN C 91 0.75 -5.17 15.61
C GLN C 91 1.95 -4.53 16.29
N TYR C 92 1.79 -4.25 17.59
CA TYR C 92 2.86 -3.75 18.44
C TYR C 92 3.25 -4.83 19.44
N GLY C 93 4.55 -4.98 19.70
CA GLY C 93 5.01 -5.92 20.69
C GLY C 93 5.89 -5.28 21.75
N GLY C 94 6.58 -6.08 22.55
CA GLY C 94 7.58 -5.52 23.45
C GLY C 94 8.69 -4.83 22.69
N SER C 95 9.15 -5.46 21.61
CA SER C 95 9.98 -4.82 20.61
C SER C 95 9.10 -3.93 19.74
N PRO C 96 9.68 -3.04 18.90
CA PRO C 96 8.84 -2.14 18.10
C PRO C 96 7.88 -2.86 17.15
N ARG C 97 7.05 -2.05 16.48
CA ARG C 97 5.90 -2.57 15.76
C ARG C 97 6.30 -3.65 14.77
N THR C 98 5.48 -4.69 14.68
CA THR C 98 5.78 -5.89 13.91
C THR C 98 4.85 -6.00 12.71
N PHE C 99 5.42 -6.30 11.55
CA PHE C 99 4.67 -6.55 10.33
C PHE C 99 4.76 -8.03 9.97
N GLY C 100 3.62 -8.64 9.67
CA GLY C 100 3.62 -10.03 9.26
C GLY C 100 4.23 -10.24 7.88
N GLN C 101 4.60 -11.49 7.62
CA GLN C 101 5.28 -11.82 6.37
C GLN C 101 4.40 -11.50 5.16
N GLY C 102 3.13 -11.82 5.24
CA GLY C 102 2.23 -11.49 4.14
C GLY C 102 1.76 -12.73 3.41
N THR C 103 0.55 -12.64 2.85
CA THR C 103 -0.04 -13.73 2.08
C THR C 103 -0.44 -13.19 0.71
N LYS C 104 -0.10 -13.93 -0.33
CA LYS C 104 -0.48 -13.57 -1.69
C LYS C 104 -1.80 -14.26 -2.06
N LEU C 105 -2.72 -13.49 -2.63
CA LEU C 105 -4.05 -13.99 -2.97
C LEU C 105 -4.15 -14.22 -4.47
N GLU C 106 -4.63 -15.40 -4.86
CA GLU C 106 -4.70 -15.80 -6.26
C GLU C 106 -6.12 -16.20 -6.60
N ILE C 107 -6.50 -15.97 -7.86
CA ILE C 107 -7.84 -16.28 -8.34
C ILE C 107 -7.75 -17.09 -9.63
N LYS C 108 -8.73 -17.96 -9.83
CA LYS C 108 -8.79 -18.77 -11.04
C LYS C 108 -9.13 -17.90 -12.25
N ARG C 109 -8.44 -18.13 -13.35
CA ARG C 109 -8.60 -17.31 -14.54
C ARG C 109 -8.21 -18.14 -15.77
N THR C 110 -8.25 -17.50 -16.93
CA THR C 110 -8.07 -18.20 -18.20
C THR C 110 -6.61 -18.61 -18.40
N VAL C 111 -6.37 -19.91 -18.55
CA VAL C 111 -5.06 -20.39 -18.95
C VAL C 111 -4.79 -19.93 -20.38
N ALA C 112 -3.58 -19.43 -20.63
CA ALA C 112 -3.24 -18.80 -21.89
C ALA C 112 -2.06 -19.50 -22.54
N ALA C 113 -2.05 -19.47 -23.87
CA ALA C 113 -1.00 -20.13 -24.65
C ALA C 113 0.22 -19.22 -24.77
N PRO C 114 1.43 -19.72 -24.45
CA PRO C 114 2.62 -18.90 -24.66
C PRO C 114 2.91 -18.67 -26.13
N SER C 115 3.41 -17.46 -26.44
CA SER C 115 3.85 -17.11 -27.77
C SER C 115 5.33 -16.75 -27.71
N VAL C 116 6.14 -17.42 -28.52
CA VAL C 116 7.58 -17.32 -28.46
C VAL C 116 8.10 -16.79 -29.78
N PHE C 117 9.02 -15.82 -29.71
CA PHE C 117 9.69 -15.26 -30.87
C PHE C 117 11.19 -15.27 -30.63
N ILE C 118 11.93 -15.84 -31.57
CA ILE C 118 13.39 -15.90 -31.50
C ILE C 118 13.97 -14.96 -32.54
N PHE C 119 14.97 -14.19 -32.15
CA PHE C 119 15.60 -13.22 -33.03
C PHE C 119 17.08 -13.56 -33.20
N PRO C 120 17.55 -13.79 -34.42
CA PRO C 120 18.94 -14.15 -34.62
C PRO C 120 19.85 -12.96 -34.33
N PRO C 121 21.13 -13.21 -34.07
CA PRO C 121 22.04 -12.11 -33.73
C PRO C 121 22.13 -11.10 -34.86
N SER C 122 22.24 -9.82 -34.48
CA SER C 122 22.22 -8.74 -35.44
C SER C 122 23.52 -8.68 -36.24
N ASP C 123 23.43 -8.13 -37.45
CA ASP C 123 24.61 -7.95 -38.27
C ASP C 123 25.58 -6.96 -37.64
N GLU C 124 25.07 -5.86 -37.09
CA GLU C 124 25.92 -4.90 -36.42
C GLU C 124 26.58 -5.51 -35.18
N GLN C 125 25.82 -6.31 -34.43
CA GLN C 125 26.40 -7.01 -33.29
C GLN C 125 27.50 -7.98 -33.74
N LEU C 126 27.26 -8.72 -34.83
CA LEU C 126 28.30 -9.59 -35.37
C LEU C 126 29.49 -8.78 -35.86
N LYS C 127 29.24 -7.63 -36.48
CA LYS C 127 30.33 -6.74 -36.86
C LYS C 127 31.08 -6.26 -35.62
N SER C 128 30.36 -6.01 -34.52
CA SER C 128 30.99 -5.65 -33.26
C SER C 128 31.80 -6.79 -32.66
N GLY C 129 31.57 -8.02 -33.12
CA GLY C 129 32.21 -9.18 -32.53
C GLY C 129 31.48 -9.78 -31.35
N THR C 130 30.33 -9.25 -30.98
CA THR C 130 29.52 -9.75 -29.87
C THR C 130 28.17 -10.17 -30.41
N ALA C 131 27.82 -11.45 -30.22
CA ALA C 131 26.59 -12.01 -30.79
C ALA C 131 25.64 -12.40 -29.66
N SER C 132 24.38 -12.02 -29.79
CA SER C 132 23.34 -12.37 -28.82
C SER C 132 22.08 -12.78 -29.56
N VAL C 133 21.49 -13.88 -29.10
CA VAL C 133 20.24 -14.40 -29.66
C VAL C 133 19.18 -14.34 -28.57
N VAL C 134 17.96 -13.94 -28.96
CA VAL C 134 16.96 -13.49 -28.01
C VAL C 134 15.67 -14.29 -28.21
N CYS C 135 15.09 -14.77 -27.11
CA CYS C 135 13.81 -15.45 -27.11
C CYS C 135 12.81 -14.64 -26.28
N LEU C 136 11.65 -14.35 -26.86
CA LEU C 136 10.64 -13.49 -26.24
C LEU C 136 9.35 -14.25 -26.01
N LEU C 137 8.82 -14.14 -24.80
CA LEU C 137 7.63 -14.87 -24.36
C LEU C 137 6.57 -13.90 -23.86
N ASN C 138 5.38 -13.97 -24.45
CA ASN C 138 4.31 -13.05 -24.10
C ASN C 138 2.99 -13.80 -24.05
N ASN C 139 2.07 -13.23 -23.26
CA ASN C 139 0.67 -13.68 -23.21
C ASN C 139 0.55 -15.13 -22.74
N PHE C 140 1.22 -15.46 -21.63
CA PHE C 140 1.14 -16.79 -21.05
C PHE C 140 0.60 -16.72 -19.62
N TYR C 141 -0.34 -17.62 -19.32
CA TYR C 141 -0.92 -17.83 -18.00
C TYR C 141 -1.23 -19.31 -17.88
N PRO C 142 -0.89 -19.96 -16.75
CA PRO C 142 -0.20 -19.39 -15.59
C PRO C 142 1.30 -19.19 -15.82
N ARG C 143 1.91 -18.37 -14.96
CA ARG C 143 3.18 -17.74 -15.29
C ARG C 143 4.33 -18.73 -15.37
N GLU C 144 4.31 -19.79 -14.57
CA GLU C 144 5.47 -20.67 -14.45
C GLU C 144 5.89 -21.22 -15.81
N ALA C 145 7.17 -21.07 -16.13
CA ALA C 145 7.69 -21.46 -17.42
C ALA C 145 9.17 -21.83 -17.29
N LYS C 146 9.60 -22.76 -18.14
CA LYS C 146 10.97 -23.23 -18.16
C LYS C 146 11.50 -23.10 -19.58
N VAL C 147 12.59 -22.34 -19.75
CA VAL C 147 13.13 -22.00 -21.06
C VAL C 147 14.43 -22.75 -21.27
N GLN C 148 14.53 -23.47 -22.38
CA GLN C 148 15.71 -24.26 -22.71
C GLN C 148 16.25 -23.87 -24.08
N TRP C 149 17.55 -23.62 -24.16
CA TRP C 149 18.22 -23.33 -25.42
C TRP C 149 18.98 -24.56 -25.87
N LYS C 150 18.72 -25.02 -27.09
CA LYS C 150 19.39 -26.17 -27.67
C LYS C 150 20.19 -25.74 -28.88
N VAL C 151 21.39 -26.31 -29.01
CA VAL C 151 22.31 -25.99 -30.10
C VAL C 151 22.60 -27.28 -30.85
N ASP C 152 22.15 -27.35 -32.11
CA ASP C 152 22.32 -28.55 -32.93
C ASP C 152 21.78 -29.78 -32.20
N ASN C 153 20.63 -29.61 -31.55
CA ASN C 153 19.99 -30.63 -30.73
C ASN C 153 20.81 -31.00 -29.50
N ALA C 154 21.80 -30.18 -29.14
CA ALA C 154 22.60 -30.38 -27.94
C ALA C 154 22.28 -29.28 -26.93
N LEU C 155 22.00 -29.68 -25.69
CA LEU C 155 21.63 -28.74 -24.65
C LEU C 155 22.79 -27.79 -24.36
N GLN C 156 22.46 -26.51 -24.17
CA GLN C 156 23.44 -25.48 -23.89
C GLN C 156 23.03 -24.71 -22.65
N SER C 157 23.92 -24.67 -21.65
CA SER C 157 23.76 -23.80 -20.49
C SER C 157 24.89 -22.79 -20.40
N GLY C 158 25.68 -22.63 -21.45
CA GLY C 158 26.86 -21.79 -21.44
C GLY C 158 26.59 -20.37 -20.97
N ASN C 159 25.83 -19.61 -21.76
CA ASN C 159 25.36 -18.28 -21.34
C ASN C 159 23.86 -18.17 -21.64
N SER C 160 23.04 -18.68 -20.72
CA SER C 160 21.59 -18.53 -20.80
C SER C 160 21.18 -17.59 -19.67
N GLN C 161 20.80 -16.38 -20.02
CA GLN C 161 20.36 -15.37 -19.05
C GLN C 161 18.91 -15.02 -19.39
N GLU C 162 18.00 -15.41 -18.52
CA GLU C 162 16.58 -15.25 -18.74
C GLU C 162 15.97 -14.46 -17.60
N SER C 163 15.00 -13.59 -17.93
CA SER C 163 14.19 -12.93 -16.92
C SER C 163 13.23 -13.99 -16.37
N VAL C 164 13.77 -14.86 -15.51
CA VAL C 164 12.99 -15.97 -14.99
C VAL C 164 11.76 -15.47 -14.24
N THR C 165 11.89 -14.32 -13.58
CA THR C 165 10.72 -13.62 -13.06
C THR C 165 9.82 -13.18 -14.22
N GLU C 166 8.61 -13.73 -14.27
CA GLU C 166 7.65 -13.36 -15.30
C GLU C 166 6.81 -12.19 -14.80
N GLN C 167 6.86 -11.07 -15.53
CA GLN C 167 6.16 -9.86 -15.14
C GLN C 167 4.79 -9.84 -15.81
N ASP C 168 3.75 -9.66 -15.00
CA ASP C 168 2.40 -9.59 -15.54
C ASP C 168 2.24 -8.36 -16.42
N SER C 169 1.67 -8.55 -17.60
CA SER C 169 1.35 -7.42 -18.47
C SER C 169 0.04 -6.78 -18.03
N LYS C 170 -0.30 -5.66 -18.68
CA LYS C 170 -1.57 -5.01 -18.38
C LYS C 170 -2.76 -5.91 -18.71
N ASP C 171 -2.58 -6.85 -19.63
CA ASP C 171 -3.62 -7.81 -19.97
C ASP C 171 -3.88 -8.81 -18.86
N SER C 172 -3.07 -8.81 -17.79
CA SER C 172 -3.06 -9.77 -16.69
C SER C 172 -2.52 -11.13 -17.10
N THR C 173 -1.92 -11.22 -18.28
CA THR C 173 -1.18 -12.41 -18.72
C THR C 173 0.31 -12.10 -18.67
N TYR C 174 1.08 -13.04 -18.14
CA TYR C 174 2.47 -12.76 -17.83
C TYR C 174 3.35 -12.87 -19.08
N SER C 175 4.51 -12.20 -19.02
CA SER C 175 5.45 -12.19 -20.14
C SER C 175 6.87 -12.32 -19.58
N LEU C 176 7.77 -12.86 -20.39
CA LEU C 176 9.13 -13.13 -19.96
C LEU C 176 10.08 -13.00 -21.14
N SER C 177 11.36 -12.79 -20.82
CA SER C 177 12.41 -12.61 -21.81
C SER C 177 13.59 -13.49 -21.48
N SER C 178 14.24 -14.04 -22.51
CA SER C 178 15.41 -14.87 -22.36
C SER C 178 16.41 -14.55 -23.45
N THR C 179 17.70 -14.52 -23.10
CA THR C 179 18.77 -14.20 -24.05
C THR C 179 19.92 -15.18 -23.87
N LEU C 180 20.43 -15.68 -24.99
CA LEU C 180 21.64 -16.49 -25.03
C LEU C 180 22.74 -15.70 -25.71
N THR C 181 23.87 -15.55 -25.02
CA THR C 181 25.00 -14.77 -25.53
C THR C 181 26.13 -15.71 -25.92
N LEU C 182 26.61 -15.58 -27.15
CA LEU C 182 27.63 -16.48 -27.66
C LEU C 182 28.60 -15.72 -28.55
N SER C 183 29.81 -16.25 -28.67
CA SER C 183 30.80 -15.67 -29.57
C SER C 183 30.34 -15.83 -31.02
N LYS C 184 30.79 -14.92 -31.87
CA LYS C 184 30.33 -14.89 -33.26
C LYS C 184 30.71 -16.17 -33.99
N ALA C 185 31.89 -16.71 -33.72
CA ALA C 185 32.33 -17.92 -34.41
C ALA C 185 31.42 -19.10 -34.07
N ASP C 186 30.98 -19.20 -32.82
CA ASP C 186 30.10 -20.30 -32.41
C ASP C 186 28.78 -20.27 -33.19
N TYR C 187 28.26 -19.08 -33.47
CA TYR C 187 27.01 -18.97 -34.22
C TYR C 187 27.17 -19.54 -35.63
N GLU C 188 28.27 -19.21 -36.29
CA GLU C 188 28.52 -19.76 -37.63
C GLU C 188 28.93 -21.22 -37.55
N LYS C 189 29.67 -21.61 -36.51
CA LYS C 189 30.13 -22.99 -36.40
C LYS C 189 28.97 -23.97 -36.27
N HIS C 190 27.94 -23.59 -35.52
CA HIS C 190 26.80 -24.45 -35.27
C HIS C 190 25.65 -24.04 -36.19
N LYS C 191 25.20 -24.98 -37.02
CA LYS C 191 24.23 -24.64 -38.06
C LYS C 191 22.91 -24.17 -37.49
N VAL C 192 22.41 -24.85 -36.47
CA VAL C 192 21.04 -24.67 -35.99
C VAL C 192 21.05 -24.28 -34.51
N TYR C 193 20.30 -23.22 -34.18
CA TYR C 193 20.08 -22.83 -32.79
C TYR C 193 18.58 -22.76 -32.55
N ALA C 194 18.14 -23.19 -31.37
CA ALA C 194 16.72 -23.19 -31.05
C ALA C 194 16.50 -22.90 -29.58
N CYS C 195 15.36 -22.26 -29.31
CA CYS C 195 14.92 -21.94 -27.95
C CYS C 195 13.59 -22.66 -27.71
N GLU C 196 13.55 -23.50 -26.68
CA GLU C 196 12.38 -24.30 -26.36
C GLU C 196 11.88 -23.92 -24.97
N VAL C 197 10.58 -23.64 -24.86
CA VAL C 197 9.96 -23.22 -23.61
C VAL C 197 8.83 -24.19 -23.27
N THR C 198 8.82 -24.66 -22.02
CA THR C 198 7.81 -25.59 -21.53
C THR C 198 6.88 -24.85 -20.57
N HIS C 199 5.64 -24.65 -20.99
CA HIS C 199 4.61 -24.04 -20.16
C HIS C 199 3.50 -25.08 -19.99
N GLN C 200 3.22 -25.46 -18.75
CA GLN C 200 2.36 -26.61 -18.43
C GLN C 200 2.99 -27.81 -19.13
N GLY C 201 2.24 -28.59 -19.91
CA GLY C 201 2.84 -29.60 -20.77
C GLY C 201 3.26 -29.08 -22.12
N LEU C 202 2.87 -27.85 -22.45
CA LEU C 202 3.13 -27.29 -23.77
C LEU C 202 4.60 -26.88 -23.88
N SER C 203 5.33 -27.51 -24.79
CA SER C 203 6.71 -27.14 -25.07
C SER C 203 6.79 -26.63 -26.50
N SER C 204 7.09 -25.34 -26.65
CA SER C 204 7.10 -24.70 -27.96
C SER C 204 8.53 -24.36 -28.37
N PRO C 205 9.12 -25.07 -29.33
CA PRO C 205 10.44 -24.68 -29.84
C PRO C 205 10.37 -23.79 -31.08
N VAL C 206 11.25 -22.80 -31.14
CA VAL C 206 11.48 -21.99 -32.33
C VAL C 206 12.97 -21.96 -32.61
N THR C 207 13.34 -22.14 -33.87
CA THR C 207 14.74 -22.26 -34.26
C THR C 207 15.10 -21.15 -35.24
N LYS C 208 16.30 -20.61 -35.05
CA LYS C 208 16.90 -19.64 -35.95
C LYS C 208 18.31 -20.11 -36.28
N SER C 209 18.76 -19.80 -37.50
CA SER C 209 20.00 -20.37 -37.99
C SER C 209 20.71 -19.36 -38.88
N PHE C 210 22.03 -19.47 -38.93
CA PHE C 210 22.85 -18.62 -39.78
C PHE C 210 22.62 -18.92 -41.26
C1 NAG D . -19.02 9.34 38.27
C2 NAG D . -17.99 10.41 38.70
C3 NAG D . -17.92 10.52 40.22
C4 NAG D . -19.30 10.29 40.83
C5 NAG D . -19.70 8.84 40.62
C6 NAG D . -21.20 8.62 40.62
C7 NAG D . -16.12 10.77 37.14
C8 NAG D . -16.92 11.89 36.57
N2 NAG D . -16.67 10.10 38.16
O3 NAG D . -17.44 11.81 40.58
O4 NAG D . -19.28 10.58 42.21
O5 NAG D . -19.21 8.36 39.35
O6 NAG D . -21.76 8.96 41.88
O7 NAG D . -15.00 10.49 36.71
#